data_3ICV
#
_entry.id   3ICV
#
_cell.length_a   111.680
_cell.length_b   111.680
_cell.length_c   54.997
_cell.angle_alpha   90.00
_cell.angle_beta   90.00
_cell.angle_gamma   120.00
#
_symmetry.space_group_name_H-M   'P 32 2 1'
#
loop_
_entity.id
_entity.type
_entity.pdbx_description
1 polymer 'Lipase B'
2 non-polymer 2-acetamido-2-deoxy-beta-D-glucopyranose
3 non-polymer 2-[BIS-(2-HYDROXY-ETHYL)-AMINO]-2-HYDROXYMETHYL-PROPANE-1,3-DIOL
4 water water
#
_entity_poly.entity_id   1
_entity_poly.type   'polypeptide(L)'
_entity_poly.pdbx_seq_one_letter_code
;AAIVAGPKQNCEPDLMPYARPFAVGKRTCSGIVGLPSGSDPAFSQPKSVLDAGLTCQGASPSSVSKPILLVPGTGTTGPQ
SFDSNWIPLSAQLGYTPCWISPPPFMLNDTQVNTEYMVNAITTLYAGSGNNKLPVLTWSQGGLVAQWGLTFFPSIRSKVD
RLMAFAPDYKGTVLAGPLDALAVSAPSVWQQTTGSALTTALRNAGGLTQIVPTTNLYSATDEIVQPQVSNSPLDSSYLFN
GKNVQAQAVCGPLFVIDHAGSLTSQFSYVVGRSALRSTTGQARSADYGITDCNPLPANDLTPEQKVAAAALLAPAA
;
_entity_poly.pdbx_strand_id   A
#
loop_
_chem_comp.id
_chem_comp.type
_chem_comp.name
_chem_comp.formula
BTB non-polymer 2-[BIS-(2-HYDROXY-ETHYL)-AMINO]-2-HYDROXYMETHYL-PROPANE-1,3-DIOL 'C8 H19 N O5'
NAG D-saccharide, beta linking 2-acetamido-2-deoxy-beta-D-glucopyranose 'C8 H15 N O6'
#
# COMPACT_ATOMS: atom_id res chain seq x y z
N GLY A 6 -6.92 -18.86 -44.00
CA GLY A 6 -7.01 -17.98 -42.81
C GLY A 6 -7.39 -18.71 -41.53
N PRO A 7 -6.43 -18.98 -40.64
CA PRO A 7 -6.70 -19.67 -39.38
C PRO A 7 -7.49 -18.76 -38.42
N LYS A 8 -8.21 -19.37 -37.48
CA LYS A 8 -8.98 -18.59 -36.53
C LYS A 8 -9.10 -19.30 -35.19
N GLN A 9 -9.09 -18.52 -34.11
CA GLN A 9 -9.20 -19.06 -32.75
C GLN A 9 -9.97 -18.10 -31.86
N ASN A 10 -10.33 -18.54 -30.65
CA ASN A 10 -11.12 -17.69 -29.76
C ASN A 10 -10.35 -17.06 -28.61
N CYS A 11 -9.04 -16.93 -28.77
CA CYS A 11 -8.20 -16.32 -27.74
C CYS A 11 -6.93 -15.77 -28.37
N GLU A 12 -6.31 -14.82 -27.67
CA GLU A 12 -5.07 -14.23 -28.15
C GLU A 12 -3.92 -15.17 -27.80
N PRO A 13 -2.98 -15.40 -28.74
CA PRO A 13 -1.84 -16.28 -28.49
C PRO A 13 -1.09 -15.90 -27.21
N ASP A 14 -0.51 -16.89 -26.55
CA ASP A 14 0.26 -16.61 -25.36
C ASP A 14 1.52 -15.84 -25.75
N LEU A 15 1.98 -14.98 -24.85
CA LEU A 15 3.20 -14.24 -25.11
C LEU A 15 4.37 -15.15 -24.82
N MET A 16 5.46 -14.98 -25.57
N MET A 16 5.46 -14.93 -25.56
CA MET A 16 6.63 -15.79 -25.34
CA MET A 16 6.68 -15.71 -25.36
C MET A 16 7.24 -15.32 -24.02
C MET A 16 7.28 -15.28 -24.03
N PRO A 17 8.04 -16.18 -23.38
CA PRO A 17 8.67 -15.85 -22.09
C PRO A 17 9.32 -14.47 -21.99
N TYR A 18 10.05 -14.06 -23.02
CA TYR A 18 10.72 -12.77 -22.99
C TYR A 18 9.78 -11.56 -22.88
N ALA A 19 8.51 -11.76 -23.27
CA ALA A 19 7.55 -10.67 -23.25
C ALA A 19 6.47 -10.70 -22.15
N ARG A 20 6.18 -11.85 -21.55
N ARG A 20 6.25 -11.88 -21.55
CA ARG A 20 5.12 -11.85 -20.54
CA ARG A 20 5.25 -12.02 -20.51
C ARG A 20 5.29 -10.91 -19.35
C ARG A 20 5.32 -11.04 -19.33
N PRO A 21 6.53 -10.67 -18.88
CA PRO A 21 6.62 -9.74 -17.74
C PRO A 21 6.05 -8.37 -18.05
N PHE A 22 5.89 -8.08 -19.35
CA PHE A 22 5.39 -6.78 -19.79
C PHE A 22 3.88 -6.69 -20.05
N ALA A 23 3.15 -7.79 -19.79
CA ALA A 23 1.70 -7.78 -19.98
C ALA A 23 0.95 -8.41 -18.81
N VAL A 24 1.47 -8.22 -17.60
CA VAL A 24 0.83 -8.75 -16.41
C VAL A 24 -0.61 -8.27 -16.34
N GLY A 25 -1.54 -9.19 -16.08
CA GLY A 25 -2.93 -8.82 -15.98
C GLY A 25 -3.77 -9.00 -17.23
N LYS A 26 -3.12 -9.20 -18.37
CA LYS A 26 -3.84 -9.39 -19.63
C LYS A 26 -4.14 -10.87 -19.87
N ARG A 27 -5.23 -11.14 -20.58
CA ARG A 27 -5.61 -12.53 -20.82
C ARG A 27 -5.24 -13.08 -22.19
N THR A 28 -4.55 -14.21 -22.20
CA THR A 28 -4.21 -14.89 -23.44
C THR A 28 -4.79 -16.29 -23.33
N CYS A 29 -4.57 -17.11 -24.35
CA CYS A 29 -5.14 -18.46 -24.35
C CYS A 29 -4.97 -19.26 -23.06
N SER A 30 -3.81 -19.16 -22.43
CA SER A 30 -3.56 -19.90 -21.18
C SER A 30 -4.19 -19.27 -19.94
N GLY A 31 -4.73 -18.06 -20.08
CA GLY A 31 -5.35 -17.39 -18.95
C GLY A 31 -4.72 -16.03 -18.71
N ILE A 32 -4.94 -15.46 -17.54
CA ILE A 32 -4.38 -14.16 -17.17
C ILE A 32 -2.90 -14.28 -16.87
N VAL A 33 -2.10 -13.41 -17.49
CA VAL A 33 -0.66 -13.40 -17.27
C VAL A 33 -0.36 -12.94 -15.84
N GLY A 34 0.29 -13.79 -15.06
CA GLY A 34 0.62 -13.42 -13.69
C GLY A 34 1.99 -12.79 -13.55
N LEU A 35 2.26 -12.22 -12.39
CA LEU A 35 3.56 -11.59 -12.13
C LEU A 35 4.68 -12.62 -12.11
N PRO A 36 5.90 -12.20 -12.52
CA PRO A 36 7.06 -13.10 -12.52
C PRO A 36 7.22 -13.58 -11.07
N SER A 37 7.69 -14.81 -10.88
CA SER A 37 7.82 -15.33 -9.52
C SER A 37 9.17 -15.96 -9.16
N GLY A 38 10.25 -15.36 -9.63
CA GLY A 38 11.57 -15.88 -9.32
C GLY A 38 11.99 -15.50 -7.91
N SER A 39 13.31 -15.46 -7.69
CA SER A 39 13.85 -15.12 -6.38
C SER A 39 13.77 -13.61 -6.12
N ASP A 40 13.83 -13.24 -4.85
CA ASP A 40 13.77 -11.83 -4.47
C ASP A 40 15.06 -11.13 -4.85
N PRO A 41 14.96 -9.86 -5.30
CA PRO A 41 16.18 -9.14 -5.65
C PRO A 41 16.95 -9.01 -4.33
N ALA A 42 18.28 -8.92 -4.39
CA ALA A 42 19.07 -8.79 -3.18
C ALA A 42 18.92 -7.37 -2.59
N PHE A 43 19.08 -7.25 -1.28
CA PHE A 43 18.98 -5.95 -0.62
C PHE A 43 20.30 -5.21 -0.73
N SER A 44 20.22 -3.89 -0.88
CA SER A 44 21.43 -3.07 -0.96
C SER A 44 21.89 -2.71 0.46
N GLN A 45 20.97 -2.84 1.42
CA GLN A 45 21.26 -2.53 2.82
C GLN A 45 21.50 -3.80 3.63
N PRO A 46 22.42 -3.75 4.61
CA PRO A 46 22.67 -4.93 5.44
C PRO A 46 21.36 -5.19 6.18
N LYS A 47 21.06 -6.46 6.42
N LYS A 47 21.05 -6.47 6.41
CA LYS A 47 19.83 -6.80 7.12
CA LYS A 47 19.82 -6.78 7.11
C LYS A 47 19.75 -6.17 8.51
C LYS A 47 19.76 -6.14 8.51
N SER A 48 20.89 -5.99 9.17
CA SER A 48 20.91 -5.37 10.50
C SER A 48 20.46 -3.90 10.42
N VAL A 49 20.76 -3.25 9.30
CA VAL A 49 20.37 -1.86 9.10
C VAL A 49 18.86 -1.80 8.87
N LEU A 50 18.34 -2.76 8.11
CA LEU A 50 16.92 -2.82 7.84
C LEU A 50 16.15 -3.14 9.14
N ASP A 51 16.69 -4.07 9.95
CA ASP A 51 16.05 -4.41 11.22
C ASP A 51 15.96 -3.21 12.16
N ALA A 52 16.96 -2.34 12.12
CA ALA A 52 16.97 -1.16 12.99
C ALA A 52 15.81 -0.20 12.69
N GLY A 53 15.24 -0.33 11.49
CA GLY A 53 14.13 0.53 11.11
C GLY A 53 12.77 -0.03 11.48
N LEU A 54 12.73 -1.22 12.06
CA LEU A 54 11.48 -1.87 12.45
C LEU A 54 11.22 -1.89 13.95
N THR A 55 10.02 -1.51 14.36
CA THR A 55 9.65 -1.50 15.78
C THR A 55 8.21 -1.96 15.98
N CYS A 56 7.95 -2.67 17.08
CA CYS A 56 6.59 -3.08 17.43
C CYS A 56 6.32 -2.53 18.82
N GLN A 57 5.08 -2.13 19.08
CA GLN A 57 4.72 -1.59 20.38
C GLN A 57 4.51 -2.70 21.39
N GLY A 58 5.38 -2.72 22.39
CA GLY A 58 5.29 -3.73 23.45
C GLY A 58 5.71 -5.12 23.05
N ALA A 59 6.55 -5.23 22.02
CA ALA A 59 6.99 -6.55 21.60
C ALA A 59 8.15 -6.52 20.62
N SER A 60 8.81 -7.66 20.48
CA SER A 60 9.91 -7.80 19.54
C SER A 60 9.26 -8.30 18.27
N PRO A 61 9.72 -7.82 17.10
CA PRO A 61 9.13 -8.29 15.83
C PRO A 61 9.37 -9.77 15.56
N SER A 62 10.30 -10.38 16.29
N SER A 62 10.30 -10.37 16.30
CA SER A 62 10.59 -11.79 16.08
CA SER A 62 10.66 -11.77 16.15
C SER A 62 9.72 -12.73 16.92
C SER A 62 9.77 -12.72 16.95
N SER A 63 8.90 -12.16 17.79
CA SER A 63 7.98 -12.94 18.61
C SER A 63 6.83 -12.01 18.94
N VAL A 64 5.87 -11.91 18.03
CA VAL A 64 4.76 -10.99 18.20
C VAL A 64 3.41 -11.60 17.86
N SER A 65 2.39 -11.18 18.60
CA SER A 65 1.04 -11.65 18.39
C SER A 65 0.21 -10.69 17.50
N LYS A 66 -0.43 -11.25 16.48
CA LYS A 66 -1.29 -10.51 15.54
C LYS A 66 -0.74 -9.15 15.15
N PRO A 67 0.43 -9.13 14.51
CA PRO A 67 1.03 -7.86 14.09
C PRO A 67 0.31 -7.23 12.91
N ILE A 68 0.42 -5.92 12.82
CA ILE A 68 -0.10 -5.15 11.70
C ILE A 68 1.06 -4.25 11.37
N LEU A 69 1.50 -4.23 10.12
CA LEU A 69 2.64 -3.42 9.72
C LEU A 69 2.14 -2.10 9.14
N LEU A 70 2.57 -1.02 9.78
CA LEU A 70 2.21 0.35 9.38
C LEU A 70 3.38 0.98 8.62
N VAL A 71 3.12 1.47 7.40
CA VAL A 71 4.16 2.08 6.58
C VAL A 71 3.81 3.56 6.45
N PRO A 72 4.70 4.43 6.95
CA PRO A 72 4.49 5.89 6.93
C PRO A 72 4.59 6.65 5.63
N GLY A 73 4.18 7.90 5.72
CA GLY A 73 4.20 8.78 4.57
C GLY A 73 5.51 9.54 4.41
N THR A 74 5.68 10.15 3.24
CA THR A 74 6.87 10.93 2.92
C THR A 74 7.16 12.02 3.96
N GLY A 75 8.40 12.11 4.41
CA GLY A 75 8.79 13.13 5.37
C GLY A 75 8.41 12.82 6.80
N THR A 76 8.11 11.56 7.10
CA THR A 76 7.75 11.17 8.46
C THR A 76 8.29 9.82 8.87
N THR A 77 8.28 9.57 10.17
CA THR A 77 8.64 8.30 10.75
C THR A 77 7.31 7.59 11.04
N GLY A 78 7.39 6.32 11.41
CA GLY A 78 6.20 5.58 11.78
C GLY A 78 5.45 6.28 12.89
N PRO A 79 6.11 6.65 14.00
CA PRO A 79 5.41 7.33 15.09
C PRO A 79 4.79 8.65 14.66
N GLN A 80 5.50 9.44 13.86
CA GLN A 80 4.93 10.71 13.42
C GLN A 80 3.66 10.50 12.59
N SER A 81 3.65 9.49 11.74
CA SER A 81 2.48 9.24 10.92
C SER A 81 1.31 8.66 11.69
N PHE A 82 1.63 7.72 12.58
CA PHE A 82 0.54 6.93 13.24
C PHE A 82 0.33 7.03 14.77
N ASP A 83 1.17 7.74 15.51
N ASP A 83 1.17 7.72 15.54
CA ASP A 83 0.99 7.84 16.96
CA ASP A 83 0.96 7.74 16.98
C ASP A 83 -0.38 8.30 17.40
C ASP A 83 -0.35 8.36 17.46
N SER A 84 -0.96 9.24 16.66
CA SER A 84 -2.24 9.86 17.02
C SER A 84 -3.41 9.14 16.41
N ASN A 85 -3.13 8.09 15.64
CA ASN A 85 -4.19 7.41 14.95
C ASN A 85 -4.12 5.89 14.92
N TRP A 86 -3.54 5.30 13.87
CA TRP A 86 -3.54 3.85 13.76
C TRP A 86 -2.72 3.01 14.72
N ILE A 87 -1.79 3.62 15.45
CA ILE A 87 -1.08 2.81 16.44
C ILE A 87 -2.12 2.53 17.54
N PRO A 88 -2.71 3.57 18.15
CA PRO A 88 -3.71 3.21 19.18
C PRO A 88 -4.99 2.57 18.63
N LEU A 89 -5.43 2.97 17.45
CA LEU A 89 -6.66 2.38 16.90
C LEU A 89 -6.48 0.90 16.57
N SER A 90 -5.33 0.50 16.05
CA SER A 90 -5.13 -0.91 15.73
C SER A 90 -4.97 -1.73 17.01
N ALA A 91 -4.36 -1.14 18.03
CA ALA A 91 -4.17 -1.84 19.31
C ALA A 91 -5.55 -2.15 19.90
N GLN A 92 -6.44 -1.18 19.79
CA GLN A 92 -7.80 -1.34 20.29
C GLN A 92 -8.59 -2.39 19.51
N LEU A 93 -8.15 -2.66 18.27
CA LEU A 93 -8.81 -3.68 17.44
C LEU A 93 -8.19 -5.07 17.69
N GLY A 94 -7.19 -5.13 18.56
CA GLY A 94 -6.58 -6.42 18.88
C GLY A 94 -5.25 -6.75 18.24
N TYR A 95 -4.68 -5.83 17.47
CA TYR A 95 -3.40 -6.09 16.82
C TYR A 95 -2.26 -5.54 17.66
N THR A 96 -1.05 -6.00 17.35
CA THR A 96 0.15 -5.44 17.94
C THR A 96 0.64 -4.49 16.87
N PRO A 97 0.60 -3.16 17.10
CA PRO A 97 1.06 -2.23 16.06
C PRO A 97 2.56 -2.31 15.86
N CYS A 98 2.98 -2.42 14.61
CA CYS A 98 4.41 -2.43 14.27
C CYS A 98 4.55 -1.45 13.13
N TRP A 99 5.74 -0.87 12.99
CA TRP A 99 5.96 0.08 11.93
C TRP A 99 7.42 0.13 11.49
N ILE A 100 7.64 0.65 10.31
CA ILE A 100 9.00 0.87 9.86
C ILE A 100 9.18 2.37 9.75
N SER A 101 10.40 2.83 9.98
CA SER A 101 10.75 4.24 9.86
C SER A 101 12.03 4.35 9.01
N PRO A 102 11.91 4.12 7.69
CA PRO A 102 13.09 4.20 6.82
C PRO A 102 13.70 5.60 6.92
N PRO A 103 15.02 5.67 7.17
CA PRO A 103 15.70 6.96 7.31
C PRO A 103 16.16 7.55 5.97
N PRO A 104 16.15 8.90 5.84
CA PRO A 104 15.71 9.85 6.86
C PRO A 104 14.27 10.28 6.52
N PHE A 105 13.35 9.99 7.43
CA PHE A 105 11.96 10.37 7.26
C PHE A 105 11.33 10.03 5.89
N MET A 106 11.63 8.83 5.38
CA MET A 106 11.08 8.40 4.08
C MET A 106 11.47 9.27 2.90
N LEU A 107 12.53 10.06 3.07
CA LEU A 107 12.96 10.97 2.01
C LEU A 107 13.95 10.35 1.03
N ASN A 108 14.57 9.25 1.44
CA ASN A 108 15.52 8.59 0.56
C ASN A 108 14.82 7.68 -0.44
N ASP A 109 15.62 7.13 -1.35
CA ASP A 109 15.19 6.23 -2.41
C ASP A 109 14.05 5.30 -1.99
N THR A 110 12.91 5.42 -2.66
CA THR A 110 11.76 4.59 -2.39
C THR A 110 12.08 3.10 -2.51
N GLN A 111 13.03 2.76 -3.39
CA GLN A 111 13.42 1.36 -3.55
C GLN A 111 14.08 0.84 -2.28
N VAL A 112 14.82 1.71 -1.58
CA VAL A 112 15.46 1.31 -0.34
C VAL A 112 14.38 1.28 0.76
N ASN A 113 13.48 2.26 0.77
CA ASN A 113 12.42 2.25 1.76
C ASN A 113 11.66 0.93 1.62
N THR A 114 11.54 0.43 0.40
CA THR A 114 10.84 -0.83 0.21
C THR A 114 11.59 -2.01 0.84
N GLU A 115 12.92 -1.97 0.82
CA GLU A 115 13.69 -3.05 1.46
C GLU A 115 13.29 -3.15 2.94
N TYR A 116 13.08 -2.01 3.59
CA TYR A 116 12.67 -2.03 4.98
C TYR A 116 11.33 -2.75 5.13
N MET A 117 10.41 -2.50 4.21
CA MET A 117 9.12 -3.16 4.30
C MET A 117 9.18 -4.66 4.03
N VAL A 118 9.92 -5.05 2.98
CA VAL A 118 10.04 -6.47 2.64
C VAL A 118 10.68 -7.20 3.81
N ASN A 119 11.78 -6.68 4.33
CA ASN A 119 12.43 -7.30 5.48
C ASN A 119 11.45 -7.39 6.65
N ALA A 120 10.67 -6.33 6.89
CA ALA A 120 9.73 -6.34 7.99
C ALA A 120 8.67 -7.41 7.84
N ILE A 121 8.13 -7.57 6.64
N ILE A 121 8.15 -7.56 6.63
CA ILE A 121 7.11 -8.58 6.44
CA ILE A 121 7.13 -8.58 6.37
C ILE A 121 7.71 -9.98 6.65
C ILE A 121 7.71 -9.97 6.63
N THR A 122 8.91 -10.22 6.12
CA THR A 122 9.57 -11.51 6.29
C THR A 122 9.72 -11.79 7.79
N THR A 123 10.17 -10.77 8.52
CA THR A 123 10.37 -10.88 9.96
C THR A 123 9.09 -11.11 10.76
N LEU A 124 8.06 -10.31 10.48
CA LEU A 124 6.81 -10.41 11.21
C LEU A 124 6.01 -11.66 10.88
N TYR A 125 6.15 -12.16 9.66
CA TYR A 125 5.45 -13.37 9.25
C TYR A 125 5.97 -14.52 10.13
N ALA A 126 7.29 -14.66 10.17
CA ALA A 126 7.92 -15.71 10.98
C ALA A 126 7.70 -15.43 12.46
N GLY A 127 7.83 -14.16 12.84
CA GLY A 127 7.67 -13.80 14.24
C GLY A 127 6.28 -14.02 14.81
N SER A 128 5.27 -14.11 13.95
N SER A 128 5.29 -14.12 13.93
CA SER A 128 3.91 -14.33 14.41
CA SER A 128 3.91 -14.32 14.35
C SER A 128 3.47 -15.77 14.21
C SER A 128 3.48 -15.78 14.17
N GLY A 129 4.45 -16.66 14.02
CA GLY A 129 4.16 -18.08 13.83
C GLY A 129 3.88 -18.49 12.40
N ASN A 130 4.49 -17.79 11.45
CA ASN A 130 4.30 -18.06 10.04
C ASN A 130 2.85 -17.86 9.64
N ASN A 131 2.32 -16.70 10.01
CA ASN A 131 0.94 -16.34 9.70
C ASN A 131 0.94 -15.05 8.91
N LYS A 132 0.05 -14.95 7.92
CA LYS A 132 -0.05 -13.74 7.11
C LYS A 132 -0.45 -12.57 8.00
N LEU A 133 -0.05 -11.37 7.61
CA LEU A 133 -0.39 -10.18 8.37
C LEU A 133 -0.86 -9.06 7.45
N PRO A 134 -1.67 -8.14 7.99
CA PRO A 134 -2.16 -7.02 7.19
C PRO A 134 -1.13 -5.89 7.18
N VAL A 135 -1.16 -5.11 6.11
CA VAL A 135 -0.27 -3.96 5.95
C VAL A 135 -1.19 -2.74 5.77
N LEU A 136 -0.95 -1.69 6.54
CA LEU A 136 -1.78 -0.47 6.49
C LEU A 136 -0.79 0.67 6.24
N THR A 137 -1.12 1.53 5.28
CA THR A 137 -0.18 2.56 4.86
C THR A 137 -0.79 3.92 4.64
N TRP A 138 0.10 4.92 4.56
CA TRP A 138 -0.33 6.27 4.25
C TRP A 138 0.61 6.85 3.20
N SER A 139 0.05 7.51 2.19
CA SER A 139 0.88 8.19 1.22
C SER A 139 1.87 7.25 0.55
N GLN A 140 3.15 7.66 0.49
CA GLN A 140 4.21 6.85 -0.12
C GLN A 140 4.23 5.42 0.41
N GLY A 141 3.76 5.22 1.63
CA GLY A 141 3.73 3.89 2.20
C GLY A 141 2.98 2.89 1.33
N GLY A 142 1.94 3.34 0.64
CA GLY A 142 1.18 2.46 -0.24
C GLY A 142 1.96 2.17 -1.50
N LEU A 143 2.67 3.17 -2.01
CA LEU A 143 3.51 3.00 -3.20
C LEU A 143 4.60 1.97 -2.85
N VAL A 144 5.19 2.10 -1.66
CA VAL A 144 6.20 1.16 -1.16
C VAL A 144 5.62 -0.25 -1.07
N ALA A 145 4.42 -0.39 -0.50
CA ALA A 145 3.79 -1.71 -0.38
C ALA A 145 3.59 -2.36 -1.75
N GLN A 146 3.03 -1.61 -2.70
CA GLN A 146 2.78 -2.16 -4.01
C GLN A 146 4.09 -2.43 -4.77
N TRP A 147 5.11 -1.60 -4.55
CA TRP A 147 6.41 -1.82 -5.19
C TRP A 147 6.99 -3.13 -4.67
N GLY A 148 6.89 -3.34 -3.36
CA GLY A 148 7.39 -4.57 -2.76
C GLY A 148 6.67 -5.80 -3.28
N LEU A 149 5.34 -5.74 -3.34
CA LEU A 149 4.54 -6.87 -3.81
C LEU A 149 4.80 -7.16 -5.29
N THR A 150 5.10 -6.12 -6.05
CA THR A 150 5.36 -6.31 -7.47
C THR A 150 6.73 -6.95 -7.73
N PHE A 151 7.75 -6.47 -7.05
CA PHE A 151 9.12 -6.95 -7.29
C PHE A 151 9.77 -7.96 -6.36
N PHE A 152 9.13 -8.24 -5.22
CA PHE A 152 9.68 -9.21 -4.25
C PHE A 152 8.63 -10.31 -4.09
N PRO A 153 8.70 -11.33 -4.96
CA PRO A 153 7.71 -12.41 -4.87
C PRO A 153 7.45 -13.09 -3.54
N SER A 154 8.49 -13.21 -2.72
CA SER A 154 8.36 -13.92 -1.45
C SER A 154 7.34 -13.38 -0.47
N ILE A 155 7.05 -12.09 -0.54
CA ILE A 155 6.09 -11.53 0.41
C ILE A 155 4.63 -11.58 -0.04
N ARG A 156 4.38 -11.96 -1.29
CA ARG A 156 3.01 -12.01 -1.77
C ARG A 156 2.14 -12.97 -0.98
N SER A 157 2.75 -14.03 -0.48
CA SER A 157 2.01 -15.03 0.30
C SER A 157 2.10 -14.75 1.79
N LYS A 158 2.69 -13.62 2.17
CA LYS A 158 2.84 -13.29 3.58
C LYS A 158 1.98 -12.12 4.04
N VAL A 159 1.43 -11.38 3.08
CA VAL A 159 0.56 -10.23 3.38
C VAL A 159 -0.86 -10.67 3.07
N ASP A 160 -1.76 -10.60 4.05
CA ASP A 160 -3.13 -11.03 3.75
C ASP A 160 -4.03 -9.96 3.14
N ARG A 161 -3.65 -8.69 3.33
CA ARG A 161 -4.45 -7.60 2.79
C ARG A 161 -3.67 -6.31 2.91
N LEU A 162 -4.06 -5.34 2.09
CA LEU A 162 -3.43 -4.02 2.12
C LEU A 162 -4.52 -2.98 2.28
N MET A 163 -4.39 -2.11 3.28
CA MET A 163 -5.34 -1.02 3.55
C MET A 163 -4.50 0.25 3.36
N ALA A 164 -4.66 0.87 2.20
CA ALA A 164 -3.86 2.05 1.85
C ALA A 164 -4.66 3.32 1.87
N PHE A 165 -4.18 4.29 2.65
CA PHE A 165 -4.81 5.61 2.76
C PHE A 165 -4.01 6.61 1.93
N ALA A 166 -4.70 7.29 1.01
CA ALA A 166 -4.07 8.27 0.12
C ALA A 166 -2.81 7.75 -0.59
N PRO A 167 -2.85 6.51 -1.12
CA PRO A 167 -1.65 6.01 -1.82
C PRO A 167 -1.41 6.74 -3.12
N ASP A 168 -0.14 7.01 -3.45
CA ASP A 168 0.16 7.71 -4.70
C ASP A 168 0.81 6.77 -5.73
N TYR A 169 0.05 5.80 -6.21
CA TYR A 169 0.62 4.83 -7.16
C TYR A 169 1.05 5.44 -8.48
N LYS A 170 0.39 6.53 -8.89
CA LYS A 170 0.76 7.23 -10.12
C LYS A 170 1.60 8.46 -9.76
N GLY A 171 1.99 8.58 -8.48
CA GLY A 171 2.72 9.76 -8.05
C GLY A 171 1.77 10.93 -7.93
N THR A 172 2.29 12.15 -7.98
CA THR A 172 1.43 13.33 -7.91
C THR A 172 1.91 14.38 -8.90
N VAL A 173 0.96 15.14 -9.45
CA VAL A 173 1.28 16.21 -10.41
C VAL A 173 1.48 17.52 -9.68
N LEU A 174 1.17 17.55 -8.39
CA LEU A 174 1.33 18.76 -7.61
C LEU A 174 2.79 18.92 -7.23
N ALA A 175 3.47 19.81 -7.97
CA ALA A 175 4.88 20.13 -7.80
C ALA A 175 5.51 20.34 -9.18
N ALA A 182 12.65 21.83 -8.71
CA ALA A 182 13.78 22.31 -7.91
C ALA A 182 14.43 21.13 -7.18
N VAL A 183 15.65 21.33 -6.68
CA VAL A 183 16.35 20.27 -5.96
C VAL A 183 15.36 19.69 -4.95
N SER A 184 15.25 18.37 -4.91
CA SER A 184 14.30 17.72 -4.02
C SER A 184 14.86 16.42 -3.47
N ALA A 185 14.22 15.91 -2.43
CA ALA A 185 14.64 14.65 -1.84
C ALA A 185 14.46 13.53 -2.86
N PRO A 186 15.29 12.48 -2.75
CA PRO A 186 15.20 11.35 -3.68
C PRO A 186 13.76 10.83 -3.87
N SER A 187 13.05 10.56 -2.78
CA SER A 187 11.69 10.03 -2.93
C SER A 187 10.69 11.03 -3.47
N VAL A 188 11.00 12.32 -3.37
CA VAL A 188 10.10 13.33 -3.90
C VAL A 188 10.23 13.30 -5.43
N TRP A 189 11.45 13.08 -5.94
CA TRP A 189 11.63 12.96 -7.38
C TRP A 189 10.82 11.74 -7.86
N GLN A 190 10.91 10.65 -7.10
CA GLN A 190 10.24 9.43 -7.50
C GLN A 190 8.73 9.48 -7.44
N GLN A 191 8.17 10.33 -6.61
N GLN A 191 8.21 10.34 -6.58
CA GLN A 191 6.72 10.39 -6.54
CA GLN A 191 6.77 10.50 -6.39
C GLN A 191 6.11 11.44 -7.45
C GLN A 191 6.14 11.51 -7.37
N THR A 192 6.95 12.08 -8.25
CA THR A 192 6.45 13.06 -9.19
C THR A 192 5.88 12.28 -10.39
N THR A 193 4.67 12.61 -10.81
CA THR A 193 4.08 11.91 -11.92
C THR A 193 5.00 12.02 -13.14
N GLY A 194 5.16 10.89 -13.81
CA GLY A 194 6.04 10.82 -14.97
C GLY A 194 7.42 10.31 -14.59
N SER A 195 7.67 10.08 -13.30
CA SER A 195 8.96 9.60 -12.85
C SER A 195 9.27 8.21 -13.38
N ALA A 196 10.55 7.88 -13.38
CA ALA A 196 10.97 6.56 -13.81
C ALA A 196 10.39 5.51 -12.88
N LEU A 197 10.35 5.81 -11.58
CA LEU A 197 9.82 4.85 -10.61
C LEU A 197 8.33 4.54 -10.83
N THR A 198 7.50 5.58 -10.97
CA THR A 198 6.07 5.31 -11.18
C THR A 198 5.84 4.67 -12.55
N THR A 199 6.68 4.99 -13.53
CA THR A 199 6.56 4.40 -14.86
C THR A 199 6.84 2.89 -14.74
N ALA A 200 7.91 2.54 -14.02
CA ALA A 200 8.28 1.14 -13.83
C ALA A 200 7.20 0.35 -13.11
N LEU A 201 6.61 0.92 -12.06
CA LEU A 201 5.56 0.20 -11.35
C LEU A 201 4.40 -0.13 -12.28
N ARG A 202 3.96 0.87 -13.06
CA ARG A 202 2.85 0.64 -13.99
C ARG A 202 3.21 -0.39 -15.06
N ASN A 203 4.38 -0.24 -15.67
CA ASN A 203 4.80 -1.14 -16.74
C ASN A 203 5.03 -2.57 -16.31
N ALA A 204 5.29 -2.77 -15.02
CA ALA A 204 5.48 -4.11 -14.48
C ALA A 204 4.17 -4.72 -14.02
N GLY A 205 3.06 -3.98 -14.18
CA GLY A 205 1.75 -4.52 -13.81
C GLY A 205 1.26 -4.12 -12.42
N GLY A 206 2.00 -3.19 -11.80
CA GLY A 206 1.68 -2.74 -10.45
C GLY A 206 0.44 -1.93 -10.18
N LEU A 207 -0.31 -1.55 -11.20
CA LEU A 207 -1.53 -0.79 -10.96
C LEU A 207 -2.76 -1.68 -10.85
N THR A 208 -2.49 -2.99 -10.76
CA THR A 208 -3.53 -3.99 -10.53
C THR A 208 -3.19 -4.57 -9.16
N GLN A 209 -4.19 -4.75 -8.30
CA GLN A 209 -3.90 -5.27 -6.97
C GLN A 209 -3.28 -6.66 -7.04
N ILE A 210 -2.44 -6.94 -6.05
CA ILE A 210 -1.71 -8.20 -5.95
C ILE A 210 -2.28 -9.00 -4.78
N VAL A 211 -2.57 -8.33 -3.67
CA VAL A 211 -3.25 -8.96 -2.54
C VAL A 211 -4.56 -8.16 -2.41
N PRO A 212 -5.54 -8.65 -1.63
CA PRO A 212 -6.80 -7.91 -1.48
C PRO A 212 -6.47 -6.52 -0.97
N THR A 213 -6.87 -5.50 -1.72
CA THR A 213 -6.51 -4.12 -1.36
C THR A 213 -7.67 -3.16 -1.33
N THR A 214 -7.64 -2.27 -0.35
CA THR A 214 -8.63 -1.21 -0.21
C THR A 214 -7.83 0.11 -0.26
N ASN A 215 -8.25 1.03 -1.11
CA ASN A 215 -7.61 2.33 -1.22
C ASN A 215 -8.63 3.40 -0.84
N LEU A 216 -8.38 4.12 0.24
N LEU A 216 -8.36 4.12 0.24
CA LEU A 216 -9.28 5.18 0.67
CA LEU A 216 -9.26 5.19 0.68
C LEU A 216 -8.57 6.50 0.38
C LEU A 216 -8.56 6.50 0.37
N TYR A 217 -9.22 7.37 -0.37
CA TYR A 217 -8.59 8.64 -0.73
C TYR A 217 -9.62 9.74 -0.90
N SER A 218 -9.14 10.95 -1.12
CA SER A 218 -10.01 12.12 -1.23
C SER A 218 -9.74 12.99 -2.43
N ALA A 219 -10.82 13.46 -3.05
CA ALA A 219 -10.70 14.37 -4.19
C ALA A 219 -10.01 15.67 -3.79
N THR A 220 -10.09 16.02 -2.50
CA THR A 220 -9.51 17.26 -2.00
C THR A 220 -8.14 17.10 -1.35
N ASP A 221 -7.44 16.02 -1.72
CA ASP A 221 -6.09 15.78 -1.22
C ASP A 221 -5.22 16.93 -1.77
N GLU A 222 -4.53 17.63 -0.88
CA GLU A 222 -3.70 18.76 -1.28
C GLU A 222 -2.25 18.38 -1.60
N ILE A 223 -1.95 17.09 -1.51
CA ILE A 223 -0.60 16.59 -1.77
C ILE A 223 -0.56 15.68 -2.99
N VAL A 224 -1.54 14.79 -3.08
CA VAL A 224 -1.63 13.82 -4.17
C VAL A 224 -2.78 14.14 -5.13
N GLN A 225 -2.46 14.38 -6.40
CA GLN A 225 -3.46 14.62 -7.43
C GLN A 225 -2.93 14.01 -8.72
N PRO A 226 -3.81 13.65 -9.67
CA PRO A 226 -5.27 13.80 -9.61
C PRO A 226 -5.98 12.68 -8.86
N GLN A 227 -7.03 13.07 -8.15
CA GLN A 227 -7.83 12.16 -7.33
C GLN A 227 -9.32 12.49 -7.47
N VAL A 228 -9.65 13.35 -8.43
CA VAL A 228 -11.02 13.87 -8.55
C VAL A 228 -12.05 13.08 -9.38
N SER A 229 -11.62 12.12 -10.17
CA SER A 229 -12.53 11.41 -11.05
C SER A 229 -13.29 10.18 -10.56
N ASN A 230 -12.88 9.60 -9.42
CA ASN A 230 -13.51 8.38 -8.92
C ASN A 230 -13.44 7.35 -10.05
N SER A 231 -12.25 7.19 -10.62
CA SER A 231 -12.04 6.28 -11.74
C SER A 231 -10.58 5.86 -11.79
N PRO A 232 -10.21 5.01 -12.77
CA PRO A 232 -8.82 4.54 -12.92
C PRO A 232 -7.80 5.65 -13.12
N LEU A 233 -8.25 6.86 -13.47
CA LEU A 233 -7.32 7.97 -13.65
C LEU A 233 -6.74 8.45 -12.32
N ASP A 234 -7.44 8.17 -11.23
CA ASP A 234 -6.97 8.63 -9.93
C ASP A 234 -5.67 7.96 -9.51
N SER A 235 -4.80 8.73 -8.86
CA SER A 235 -3.52 8.16 -8.42
C SER A 235 -3.65 7.01 -7.44
N SER A 236 -4.69 7.02 -6.61
CA SER A 236 -4.88 5.95 -5.61
C SER A 236 -5.60 4.69 -6.12
N TYR A 237 -5.99 4.66 -7.39
CA TYR A 237 -6.77 3.54 -7.91
C TYR A 237 -5.98 2.29 -8.33
N LEU A 238 -6.45 1.12 -7.94
CA LEU A 238 -5.85 -0.15 -8.37
C LEU A 238 -6.95 -1.01 -8.98
N PHE A 239 -6.65 -1.59 -10.13
CA PHE A 239 -7.64 -2.47 -10.76
C PHE A 239 -7.91 -3.67 -9.85
N ASN A 240 -9.20 -4.01 -9.73
CA ASN A 240 -9.70 -5.09 -8.89
C ASN A 240 -9.68 -4.76 -7.40
N GLY A 241 -9.19 -3.57 -7.07
CA GLY A 241 -9.18 -3.19 -5.67
C GLY A 241 -10.50 -2.57 -5.24
N LYS A 242 -10.66 -2.36 -3.94
CA LYS A 242 -11.84 -1.70 -3.39
C LYS A 242 -11.38 -0.23 -3.29
N ASN A 243 -11.70 0.54 -4.32
CA ASN A 243 -11.30 1.95 -4.43
C ASN A 243 -12.40 2.83 -3.89
N VAL A 244 -12.11 3.48 -2.78
CA VAL A 244 -13.06 4.32 -2.09
C VAL A 244 -12.64 5.79 -2.08
N GLN A 245 -13.18 6.55 -3.03
CA GLN A 245 -12.94 8.00 -3.06
C GLN A 245 -14.00 8.51 -2.08
N ALA A 246 -13.59 9.21 -1.04
CA ALA A 246 -14.53 9.65 -0.01
C ALA A 246 -15.75 10.41 -0.51
N GLN A 247 -15.56 11.30 -1.47
CA GLN A 247 -16.66 12.10 -1.99
C GLN A 247 -17.70 11.28 -2.76
N ALA A 248 -17.31 10.12 -3.27
CA ALA A 248 -18.29 9.30 -4.00
C ALA A 248 -19.36 8.82 -3.03
N VAL A 249 -18.97 8.62 -1.77
CA VAL A 249 -19.88 8.16 -0.73
C VAL A 249 -20.50 9.32 0.03
N CYS A 250 -19.68 10.32 0.32
CA CYS A 250 -20.07 11.43 1.15
C CYS A 250 -20.49 12.74 0.50
N GLY A 251 -20.33 12.84 -0.82
CA GLY A 251 -20.71 14.07 -1.50
C GLY A 251 -19.61 15.12 -1.52
N PRO A 252 -19.75 16.16 -2.35
CA PRO A 252 -18.75 17.22 -2.48
C PRO A 252 -18.47 18.13 -1.29
N LEU A 253 -19.34 18.13 -0.28
CA LEU A 253 -19.08 18.96 0.89
C LEU A 253 -18.18 18.25 1.89
N PHE A 254 -17.86 16.98 1.63
CA PHE A 254 -16.96 16.22 2.50
C PHE A 254 -15.58 16.51 1.90
N VAL A 255 -14.76 17.26 2.64
CA VAL A 255 -13.48 17.70 2.09
C VAL A 255 -12.19 17.37 2.87
N ILE A 256 -12.09 16.14 3.36
CA ILE A 256 -10.92 15.75 4.13
C ILE A 256 -9.65 15.89 3.29
N ASP A 257 -8.56 16.28 3.95
CA ASP A 257 -7.31 16.49 3.24
C ASP A 257 -6.41 15.26 3.21
N HIS A 258 -5.15 15.46 2.84
CA HIS A 258 -4.22 14.33 2.74
C HIS A 258 -4.10 13.54 4.05
N ALA A 259 -3.90 14.22 5.17
CA ALA A 259 -3.80 13.53 6.46
C ALA A 259 -5.17 13.10 6.96
N GLY A 260 -6.21 13.88 6.66
CA GLY A 260 -7.55 13.49 7.08
C GLY A 260 -7.94 12.17 6.43
N SER A 261 -7.37 11.89 5.26
CA SER A 261 -7.64 10.64 4.56
C SER A 261 -7.19 9.48 5.44
N LEU A 262 -6.18 9.71 6.27
CA LEU A 262 -5.68 8.67 7.16
C LEU A 262 -6.41 8.65 8.51
N THR A 263 -6.69 9.83 9.05
CA THR A 263 -7.17 9.94 10.42
C THR A 263 -8.66 10.18 10.70
N SER A 264 -9.46 10.48 9.69
CA SER A 264 -10.87 10.77 9.94
C SER A 264 -11.68 9.59 10.42
N GLN A 265 -12.83 9.88 11.01
CA GLN A 265 -13.72 8.83 11.47
C GLN A 265 -14.19 8.00 10.27
N PHE A 266 -14.45 8.66 9.14
CA PHE A 266 -14.84 7.92 7.94
C PHE A 266 -13.72 6.93 7.60
N SER A 267 -12.49 7.41 7.62
CA SER A 267 -11.36 6.55 7.29
C SER A 267 -11.22 5.37 8.24
N TYR A 268 -11.51 5.62 9.51
CA TYR A 268 -11.45 4.54 10.49
C TYR A 268 -12.52 3.49 10.20
N VAL A 269 -13.74 3.93 9.90
CA VAL A 269 -14.81 2.97 9.63
C VAL A 269 -14.45 2.11 8.43
N VAL A 270 -13.93 2.72 7.37
CA VAL A 270 -13.57 1.94 6.19
C VAL A 270 -12.39 1.00 6.49
N GLY A 271 -11.39 1.51 7.20
CA GLY A 271 -10.23 0.69 7.54
C GLY A 271 -10.60 -0.48 8.42
N ARG A 272 -11.45 -0.23 9.40
CA ARG A 272 -11.89 -1.30 10.30
C ARG A 272 -12.62 -2.35 9.45
N SER A 273 -13.42 -1.89 8.50
CA SER A 273 -14.14 -2.84 7.64
C SER A 273 -13.15 -3.70 6.85
N ALA A 274 -12.12 -3.07 6.28
CA ALA A 274 -11.12 -3.80 5.52
C ALA A 274 -10.37 -4.81 6.38
N LEU A 275 -9.99 -4.40 7.60
CA LEU A 275 -9.23 -5.28 8.47
C LEU A 275 -10.00 -6.51 8.93
N ARG A 276 -11.31 -6.37 9.13
CA ARG A 276 -12.08 -7.53 9.60
C ARG A 276 -12.77 -8.34 8.51
N SER A 277 -12.83 -7.80 7.30
CA SER A 277 -13.49 -8.49 6.19
C SER A 277 -12.88 -9.82 5.79
N THR A 278 -13.74 -10.82 5.57
CA THR A 278 -13.27 -12.13 5.16
C THR A 278 -12.82 -12.12 3.70
N THR A 279 -13.14 -11.06 2.97
CA THR A 279 -12.73 -10.94 1.57
C THR A 279 -11.38 -10.22 1.48
N GLY A 280 -10.98 -9.60 2.59
CA GLY A 280 -9.72 -8.88 2.61
C GLY A 280 -9.87 -7.44 2.17
N GLN A 281 -11.08 -7.06 1.73
CA GLN A 281 -11.37 -5.70 1.30
C GLN A 281 -12.52 -5.09 2.09
N ALA A 282 -12.56 -3.77 2.20
CA ALA A 282 -13.66 -3.12 2.92
C ALA A 282 -14.95 -3.44 2.16
N ARG A 283 -16.07 -3.41 2.88
CA ARG A 283 -17.37 -3.73 2.27
C ARG A 283 -18.31 -2.54 2.38
N SER A 284 -18.95 -2.19 1.27
CA SER A 284 -19.89 -1.06 1.27
C SER A 284 -20.99 -1.18 2.31
N ALA A 285 -21.38 -2.41 2.64
CA ALA A 285 -22.42 -2.61 3.63
C ALA A 285 -21.99 -2.15 5.02
N ASP A 286 -20.69 -1.96 5.23
CA ASP A 286 -20.18 -1.53 6.53
C ASP A 286 -20.08 -0.02 6.76
N TYR A 287 -20.38 0.78 5.75
CA TYR A 287 -20.33 2.23 5.94
C TYR A 287 -21.36 2.95 5.10
N GLY A 288 -21.80 4.09 5.59
CA GLY A 288 -22.79 4.87 4.89
C GLY A 288 -22.66 6.33 5.23
N ILE A 289 -23.67 7.09 4.88
CA ILE A 289 -23.68 8.52 5.11
C ILE A 289 -23.38 8.92 6.56
N THR A 290 -23.83 8.13 7.53
CA THR A 290 -23.61 8.47 8.93
C THR A 290 -22.13 8.44 9.31
N ASP A 291 -21.35 7.66 8.57
CA ASP A 291 -19.92 7.57 8.84
C ASP A 291 -19.10 8.64 8.14
N CYS A 292 -19.76 9.49 7.38
CA CYS A 292 -19.08 10.58 6.65
C CYS A 292 -18.81 11.69 7.65
N ASN A 293 -17.88 11.39 8.54
CA ASN A 293 -17.51 12.24 9.65
C ASN A 293 -16.04 12.65 9.47
N PRO A 294 -15.77 13.94 9.25
CA PRO A 294 -14.39 14.42 9.05
C PRO A 294 -13.57 14.60 10.32
N LEU A 295 -14.19 14.43 11.48
CA LEU A 295 -13.48 14.58 12.75
C LEU A 295 -12.53 13.40 12.94
N PRO A 296 -11.44 13.57 13.72
CA PRO A 296 -10.48 12.49 13.97
C PRO A 296 -11.10 11.29 14.68
N ALA A 297 -10.84 10.09 14.17
CA ALA A 297 -11.37 8.87 14.77
C ALA A 297 -10.90 8.66 16.20
N ASN A 298 -9.61 8.90 16.44
CA ASN A 298 -9.02 8.69 17.76
C ASN A 298 -9.50 9.72 18.79
N ASP A 299 -10.25 10.72 18.33
CA ASP A 299 -10.78 11.75 19.21
C ASP A 299 -12.06 11.27 19.90
C1 NAG B . -12.52 12.66 -15.02
C2 NAG B . -11.57 13.73 -15.62
C3 NAG B . -11.28 14.81 -14.58
C4 NAG B . -12.60 15.40 -14.09
C5 NAG B . -13.43 14.27 -13.48
C6 NAG B . -14.78 14.75 -12.96
C7 NAG B . -9.83 13.38 -17.24
C8 NAG B . -8.66 14.35 -17.32
N2 NAG B . -10.33 13.11 -16.03
O1 NAG B . -12.89 11.76 -16.01
O3 NAG B . -10.48 15.83 -15.16
O4 NAG B . -12.35 16.41 -13.12
O5 NAG B . -13.71 13.27 -14.49
O6 NAG B . -15.31 13.85 -12.00
O7 NAG B . -10.29 12.87 -18.28
C1 NAG C . 20.87 9.49 2.38
C2 NAG C . 21.39 8.43 3.32
C3 NAG C . 22.87 8.30 2.99
C4 NAG C . 23.07 7.93 1.51
C5 NAG C . 22.19 8.77 0.54
C6 NAG C . 22.05 8.07 -0.81
C7 NAG C . 20.54 7.99 5.54
C8 NAG C . 19.97 8.63 6.79
N2 NAG C . 21.18 8.81 4.70
O1 NAG C . 19.59 9.89 2.75
O3 NAG C . 23.47 7.33 3.83
O4 NAG C . 24.44 8.14 1.17
O5 NAG C . 20.85 8.96 1.06
O6 NAG C . 22.32 6.68 -0.71
O7 NAG C . 20.39 6.79 5.33
C1 BTB D . 3.65 15.32 6.02
O1 BTB D . 2.72 14.55 5.26
C2 BTB D . 3.54 16.85 5.79
C3 BTB D . 4.19 16.89 4.38
O3 BTB D . 3.30 17.27 3.33
C4 BTB D . 4.50 17.60 6.78
O4 BTB D . 3.98 17.60 8.11
N BTB D . 2.11 17.46 5.69
C5 BTB D . 1.11 17.28 6.80
C6 BTB D . 0.47 15.91 6.95
O6 BTB D . -0.34 15.81 5.76
C7 BTB D . 2.19 18.94 5.67
C8 BTB D . 1.43 19.46 4.44
O8 BTB D . 0.21 18.73 4.32
#